data_7LXE
#
_entry.id   7LXE
#
_cell.length_a   56.067
_cell.length_b   77.485
_cell.length_c   66.167
_cell.angle_alpha   90.000
_cell.angle_beta   90.000
_cell.angle_gamma   90.000
#
_symmetry.space_group_name_H-M   'C 2 2 21'
#
_entity_poly.entity_id   1
_entity_poly.type   'polypeptide(L)'
_entity_poly.pdbx_seq_one_letter_code
;SNAMSEQSICQARAAVMVYDDANKKWVPAGGSTGFSRVHIYHHTGNNTFRVVGRKIQDHQVVINCAIPKGLKYNQATQTF
HQWRDARQVYGLNFGSKEDANVFASAMMHALEVLGGSGSGFDDFPPPPPPPPVDYEDEEAAVVQYNDPYADGDPAW
;
_entity_poly.pdbx_strand_id   A
#
# COMPACT_ATOMS: atom_id res chain seq x y z
N SER A 5 18.06 -1.93 -5.86
CA SER A 5 18.35 -1.94 -4.42
C SER A 5 17.11 -1.52 -3.65
N GLU A 6 16.38 -2.52 -3.16
CA GLU A 6 15.08 -2.32 -2.56
C GLU A 6 15.00 -3.03 -1.23
N GLN A 7 14.11 -2.53 -0.38
CA GLN A 7 13.81 -3.16 0.89
C GLN A 7 12.30 -3.12 1.11
N SER A 8 11.73 -4.29 1.40
CA SER A 8 10.34 -4.35 1.82
C SER A 8 10.23 -3.83 3.23
N ILE A 9 9.32 -2.90 3.47
CA ILE A 9 9.08 -2.41 4.82
C ILE A 9 7.80 -2.95 5.40
N CYS A 10 6.94 -3.58 4.60
CA CYS A 10 5.82 -4.32 5.15
C CYS A 10 5.31 -5.31 4.11
N GLN A 11 4.51 -6.25 4.58
CA GLN A 11 3.90 -7.28 3.74
C GLN A 11 2.52 -7.53 4.30
N ALA A 12 1.50 -7.38 3.46
CA ALA A 12 0.11 -7.40 3.90
C ALA A 12 -0.75 -8.10 2.87
N ARG A 13 -1.70 -8.90 3.35
CA ARG A 13 -2.59 -9.69 2.52
C ARG A 13 -3.86 -8.90 2.25
N ALA A 14 -4.21 -8.72 0.98
CA ALA A 14 -5.35 -7.88 0.64
C ALA A 14 -5.83 -8.20 -0.77
N ALA A 15 -7.14 -8.05 -0.98
CA ALA A 15 -7.69 -8.07 -2.33
C ALA A 15 -7.54 -6.68 -2.95
N VAL A 16 -6.83 -6.61 -4.05
CA VAL A 16 -6.43 -5.34 -4.66
C VAL A 16 -7.47 -4.95 -5.70
N MET A 17 -7.98 -3.72 -5.60
CA MET A 17 -9.14 -3.29 -6.36
C MET A 17 -8.81 -2.01 -7.11
N VAL A 18 -9.49 -1.83 -8.24
CA VAL A 18 -9.47 -0.57 -8.98
C VAL A 18 -10.91 -0.17 -9.20
N TYR A 19 -11.13 1.12 -9.33
CA TYR A 19 -12.47 1.61 -9.59
C TYR A 19 -12.68 1.75 -11.09
N ASP A 20 -13.82 1.28 -11.55
CA ASP A 20 -14.22 1.40 -12.95
C ASP A 20 -15.26 2.52 -13.00
N ASP A 21 -14.78 3.74 -13.27
CA ASP A 21 -15.69 4.89 -13.23
C ASP A 21 -16.81 4.73 -14.24
N ALA A 22 -16.58 4.01 -15.33
CA ALA A 22 -17.63 3.83 -16.32
C ALA A 22 -18.80 3.03 -15.76
N ASN A 23 -18.51 1.86 -15.18
CA ASN A 23 -19.55 0.98 -14.66
C ASN A 23 -19.87 1.23 -13.19
N LYS A 24 -19.27 2.25 -12.58
CA LYS A 24 -19.53 2.61 -11.19
C LYS A 24 -19.41 1.40 -10.27
N LYS A 25 -18.28 0.71 -10.34
CA LYS A 25 -18.06 -0.41 -9.44
C LYS A 25 -16.57 -0.65 -9.27
N TRP A 26 -16.24 -1.29 -8.14
CA TRP A 26 -14.87 -1.73 -7.93
C TRP A 26 -14.68 -3.07 -8.63
N VAL A 27 -13.57 -3.19 -9.35
CA VAL A 27 -13.22 -4.42 -10.06
C VAL A 27 -11.89 -4.92 -9.52
N PRO A 28 -11.67 -6.23 -9.48
CA PRO A 28 -10.39 -6.75 -9.00
C PRO A 28 -9.26 -6.31 -9.92
N ALA A 29 -8.17 -5.81 -9.33
CA ALA A 29 -7.04 -5.40 -10.14
C ALA A 29 -6.47 -6.61 -10.89
N GLY A 30 -6.10 -6.40 -12.15
CA GLY A 30 -5.63 -7.50 -12.98
C GLY A 30 -6.69 -8.45 -13.49
N GLY A 31 -7.97 -8.25 -13.15
CA GLY A 31 -9.08 -8.94 -13.76
C GLY A 31 -9.59 -10.16 -13.02
N SER A 32 -8.81 -10.70 -12.09
CA SER A 32 -9.15 -11.94 -11.39
C SER A 32 -9.26 -11.63 -9.91
N THR A 33 -10.37 -12.05 -9.31
CA THR A 33 -10.57 -11.83 -7.89
C THR A 33 -9.68 -12.76 -7.08
N GLY A 34 -9.30 -12.31 -5.89
CA GLY A 34 -8.45 -13.10 -5.02
C GLY A 34 -7.46 -12.26 -4.25
N PHE A 35 -6.84 -12.85 -3.25
CA PHE A 35 -5.93 -12.10 -2.39
C PHE A 35 -4.55 -11.98 -3.02
N SER A 36 -3.85 -10.91 -2.65
CA SER A 36 -2.50 -10.60 -3.07
C SER A 36 -1.66 -10.38 -1.82
N ARG A 37 -0.35 -10.61 -1.95
CA ARG A 37 0.62 -10.14 -0.97
C ARG A 37 1.07 -8.75 -1.42
N VAL A 38 0.76 -7.73 -0.64
CA VAL A 38 1.00 -6.33 -1.01
C VAL A 38 2.14 -5.80 -0.16
N HIS A 39 3.21 -5.36 -0.81
CA HIS A 39 4.40 -4.82 -0.19
C HIS A 39 4.45 -3.30 -0.36
N ILE A 40 5.10 -2.62 0.57
CA ILE A 40 5.68 -1.30 0.31
C ILE A 40 7.18 -1.48 0.29
N TYR A 41 7.81 -1.02 -0.78
CA TYR A 41 9.26 -1.14 -0.97
C TYR A 41 9.90 0.23 -0.90
N HIS A 42 11.06 0.30 -0.27
CA HIS A 42 11.85 1.52 -0.18
C HIS A 42 13.12 1.33 -1.00
N HIS A 43 13.34 2.21 -1.98
CA HIS A 43 14.60 2.25 -2.72
C HIS A 43 15.63 2.96 -1.84
N THR A 44 16.60 2.21 -1.34
CA THR A 44 17.54 2.76 -0.37
C THR A 44 18.26 3.99 -0.89
N GLY A 45 18.49 4.07 -2.20
CA GLY A 45 19.18 5.22 -2.75
C GLY A 45 18.28 6.43 -2.93
N ASN A 46 17.36 6.34 -3.89
CA ASN A 46 16.45 7.44 -4.19
C ASN A 46 15.71 7.95 -2.96
N ASN A 47 15.55 7.14 -1.92
CA ASN A 47 14.60 7.44 -0.86
C ASN A 47 13.20 7.58 -1.44
N THR A 48 12.88 6.73 -2.41
CA THR A 48 11.54 6.61 -2.98
C THR A 48 10.87 5.34 -2.46
N PHE A 49 9.55 5.26 -2.66
CA PHE A 49 8.76 4.14 -2.19
C PHE A 49 7.77 3.72 -3.26
N ARG A 50 7.36 2.45 -3.23
CA ARG A 50 6.29 2.01 -4.11
C ARG A 50 5.55 0.82 -3.49
N VAL A 51 4.26 0.75 -3.82
CA VAL A 51 3.39 -0.38 -3.47
C VAL A 51 3.49 -1.41 -4.58
N VAL A 52 3.75 -2.66 -4.22
CA VAL A 52 3.79 -3.77 -5.18
C VAL A 52 2.99 -4.93 -4.61
N GLY A 53 2.08 -5.46 -5.40
CA GLY A 53 1.30 -6.61 -4.98
C GLY A 53 1.24 -7.68 -6.06
N ARG A 54 1.29 -8.93 -5.61
CA ARG A 54 1.18 -10.09 -6.49
C ARG A 54 0.08 -11.00 -6.00
N LYS A 55 -0.71 -11.55 -6.93
CA LYS A 55 -1.68 -12.57 -6.58
C LYS A 55 -0.98 -13.73 -5.87
N ILE A 56 -1.64 -14.24 -4.84
CA ILE A 56 -1.05 -15.37 -4.12
C ILE A 56 -1.10 -16.63 -4.97
N GLN A 57 -2.19 -16.83 -5.69
CA GLN A 57 -2.36 -18.02 -6.53
C GLN A 57 -1.34 -18.07 -7.66
N ASP A 58 -1.48 -17.18 -8.65
CA ASP A 58 -0.69 -17.26 -9.87
C ASP A 58 0.46 -16.24 -9.93
N HIS A 59 0.70 -15.50 -8.86
CA HIS A 59 1.82 -14.57 -8.74
C HIS A 59 1.75 -13.43 -9.77
N GLN A 60 0.62 -13.27 -10.43
CA GLN A 60 0.43 -12.12 -11.31
C GLN A 60 0.59 -10.81 -10.55
N VAL A 61 1.37 -9.89 -11.12
CA VAL A 61 1.50 -8.54 -10.56
C VAL A 61 0.23 -7.76 -10.86
N VAL A 62 -0.43 -7.28 -9.80
CA VAL A 62 -1.69 -6.56 -9.95
C VAL A 62 -1.56 -5.07 -9.61
N ILE A 63 -0.61 -4.68 -8.79
CA ILE A 63 -0.32 -3.28 -8.57
C ILE A 63 1.19 -3.11 -8.51
N ASN A 64 1.67 -1.97 -9.01
CA ASN A 64 3.07 -1.61 -8.96
C ASN A 64 3.15 -0.13 -9.26
N CYS A 65 2.93 0.68 -8.25
CA CYS A 65 2.88 2.12 -8.41
C CYS A 65 3.73 2.78 -7.35
N ALA A 66 4.32 3.90 -7.72
CA ALA A 66 5.18 4.64 -6.80
C ALA A 66 4.32 5.49 -5.88
N ILE A 67 4.86 5.76 -4.70
CA ILE A 67 4.19 6.57 -3.69
C ILE A 67 4.74 7.99 -3.82
N PRO A 68 3.96 8.94 -4.33
CA PRO A 68 4.44 10.32 -4.45
C PRO A 68 4.32 11.09 -3.15
N LYS A 69 5.27 12.01 -2.95
CA LYS A 69 5.17 12.95 -1.85
C LYS A 69 3.83 13.68 -1.96
N GLY A 70 3.04 13.63 -0.89
CA GLY A 70 1.76 14.30 -0.88
C GLY A 70 0.57 13.42 -1.18
N LEU A 71 0.77 12.12 -1.35
CA LEU A 71 -0.35 11.22 -1.60
C LEU A 71 -1.38 11.31 -0.49
N LYS A 72 -2.66 11.36 -0.88
CA LYS A 72 -3.78 11.33 0.04
C LYS A 72 -4.27 9.89 0.19
N TYR A 73 -3.86 9.25 1.27
CA TYR A 73 -4.22 7.86 1.55
C TYR A 73 -5.40 7.86 2.49
N ASN A 74 -6.49 7.21 2.09
CA ASN A 74 -7.72 7.26 2.84
C ASN A 74 -8.09 5.88 3.36
N GLN A 75 -8.41 5.79 4.65
CA GLN A 75 -8.87 4.56 5.27
C GLN A 75 -10.39 4.70 5.37
N ALA A 76 -11.09 4.21 4.35
CA ALA A 76 -12.55 4.24 4.38
C ALA A 76 -13.08 3.59 5.65
N THR A 77 -12.76 2.32 5.83
CA THR A 77 -12.95 1.60 7.08
C THR A 77 -11.57 1.16 7.56
N GLN A 78 -11.53 0.53 8.74
CA GLN A 78 -10.26 0.03 9.23
C GLN A 78 -9.63 -0.98 8.28
N THR A 79 -10.44 -1.64 7.45
CA THR A 79 -9.97 -2.73 6.58
C THR A 79 -10.14 -2.45 5.09
N PHE A 80 -10.54 -1.26 4.69
CA PHE A 80 -10.53 -0.92 3.27
C PHE A 80 -9.93 0.47 3.10
N HIS A 81 -8.78 0.53 2.44
CA HIS A 81 -8.08 1.78 2.22
C HIS A 81 -8.01 2.05 0.72
N GLN A 82 -7.84 3.32 0.38
CA GLN A 82 -7.89 3.70 -1.02
C GLN A 82 -7.09 4.97 -1.22
N TRP A 83 -6.75 5.21 -2.48
CA TRP A 83 -5.97 6.36 -2.93
C TRP A 83 -6.03 6.35 -4.45
N ARG A 84 -5.60 7.44 -5.06
CA ARG A 84 -5.55 7.55 -6.51
C ARG A 84 -4.15 8.04 -6.85
N ASP A 85 -3.25 7.09 -7.14
CA ASP A 85 -1.90 7.47 -7.53
C ASP A 85 -1.89 8.08 -8.93
N ALA A 86 -2.60 7.44 -9.87
CA ALA A 86 -2.64 7.92 -11.25
C ALA A 86 -4.06 8.32 -11.65
N ARG A 87 -4.42 8.10 -12.90
CA ARG A 87 -5.77 8.42 -13.36
C ARG A 87 -6.83 7.53 -12.73
N GLN A 88 -6.44 6.34 -12.25
CA GLN A 88 -7.37 5.40 -11.65
C GLN A 88 -7.27 5.42 -10.13
N VAL A 89 -8.31 4.87 -9.49
CA VAL A 89 -8.41 4.82 -8.04
C VAL A 89 -8.14 3.39 -7.59
N TYR A 90 -7.27 3.25 -6.59
CA TYR A 90 -6.83 1.96 -6.10
C TYR A 90 -7.42 1.74 -4.71
N GLY A 91 -7.80 0.50 -4.42
CA GLY A 91 -8.30 0.15 -3.12
C GLY A 91 -7.67 -1.13 -2.63
N LEU A 92 -7.56 -1.24 -1.30
CA LEU A 92 -7.02 -2.44 -0.65
C LEU A 92 -8.04 -2.97 0.34
N ASN A 93 -8.56 -4.17 0.08
CA ASN A 93 -9.60 -4.80 0.91
C ASN A 93 -8.90 -5.89 1.73
N PHE A 94 -8.49 -5.53 2.94
CA PHE A 94 -7.58 -6.36 3.70
C PHE A 94 -8.25 -7.61 4.26
N GLY A 95 -7.43 -8.66 4.40
CA GLY A 95 -7.91 -9.90 5.00
C GLY A 95 -8.21 -9.79 6.47
N SER A 96 -7.52 -8.89 7.18
CA SER A 96 -7.70 -8.74 8.61
C SER A 96 -7.27 -7.33 9.01
N LYS A 97 -7.65 -6.94 10.23
CA LYS A 97 -7.23 -5.65 10.78
C LYS A 97 -5.74 -5.62 11.00
N GLU A 98 -5.14 -6.76 11.36
CA GLU A 98 -3.70 -6.81 11.56
C GLU A 98 -3.00 -6.40 10.27
N ASP A 99 -3.40 -7.01 9.15
CA ASP A 99 -2.85 -6.64 7.84
C ASP A 99 -3.07 -5.15 7.54
N ALA A 100 -4.30 -4.65 7.78
CA ALA A 100 -4.59 -3.26 7.46
C ALA A 100 -3.70 -2.32 8.25
N ASN A 101 -3.43 -2.64 9.52
CA ASN A 101 -2.73 -1.70 10.38
C ASN A 101 -1.26 -1.65 10.02
N VAL A 102 -0.66 -2.80 9.73
CA VAL A 102 0.73 -2.81 9.32
C VAL A 102 0.89 -2.02 8.03
N PHE A 103 -0.02 -2.19 7.08
CA PHE A 103 0.19 -1.52 5.81
C PHE A 103 0.02 -0.02 5.97
N ALA A 104 -1.03 0.38 6.70
CA ALA A 104 -1.27 1.79 6.97
C ALA A 104 -0.11 2.40 7.73
N SER A 105 0.40 1.67 8.72
CA SER A 105 1.49 2.21 9.53
C SER A 105 2.73 2.41 8.68
N ALA A 106 3.03 1.46 7.79
CA ALA A 106 4.14 1.63 6.88
C ALA A 106 3.89 2.75 5.88
N MET A 107 2.68 2.86 5.36
CA MET A 107 2.38 3.95 4.45
C MET A 107 2.57 5.30 5.12
N MET A 108 2.07 5.46 6.35
CA MET A 108 2.29 6.71 7.05
C MET A 108 3.77 7.03 7.18
N HIS A 109 4.58 6.02 7.51
CA HIS A 109 6.01 6.25 7.66
C HIS A 109 6.64 6.65 6.33
N ALA A 110 6.32 5.91 5.26
CA ALA A 110 6.72 6.32 3.92
C ALA A 110 6.38 7.77 3.65
N LEU A 111 5.13 8.18 3.94
CA LEU A 111 4.73 9.54 3.59
C LEU A 111 5.48 10.58 4.42
N GLU A 112 5.87 10.24 5.67
CA GLU A 112 6.70 11.14 6.47
C GLU A 112 8.07 11.31 5.84
N VAL A 113 8.73 10.19 5.55
CA VAL A 113 10.07 10.22 4.97
C VAL A 113 10.07 10.99 3.66
N LEU A 114 9.00 10.87 2.89
CA LEU A 114 8.88 11.67 1.67
C LEU A 114 8.57 13.12 2.00
N GLY A 115 7.80 13.37 3.06
CA GLY A 115 7.46 14.73 3.41
C GLY A 115 8.65 15.55 3.87
N GLY A 116 9.66 14.89 4.44
CA GLY A 116 10.89 15.54 4.84
C GLY A 116 11.12 15.44 6.33
N ASP A 123 13.13 18.71 13.54
CA ASP A 123 13.65 17.42 13.94
C ASP A 123 13.09 16.99 15.30
N PHE A 124 13.67 15.95 15.88
CA PHE A 124 13.33 15.44 17.20
C PHE A 124 14.59 14.95 17.87
N PRO A 125 14.61 14.92 19.21
CA PRO A 125 15.75 14.35 19.91
C PRO A 125 15.84 12.86 19.67
N PRO A 126 17.01 12.25 19.83
CA PRO A 126 17.12 10.82 19.60
C PRO A 126 16.22 10.06 20.55
N PRO A 127 15.74 8.88 20.16
CA PRO A 127 14.74 8.18 20.95
C PRO A 127 15.33 7.57 22.21
N PRO A 128 14.47 7.13 23.12
CA PRO A 128 14.94 6.45 24.32
C PRO A 128 15.25 4.99 24.03
N PRO A 129 15.81 4.26 24.99
CA PRO A 129 16.08 2.84 24.77
C PRO A 129 14.79 2.06 24.65
N PRO A 130 14.79 0.97 23.89
CA PRO A 130 13.57 0.18 23.77
C PRO A 130 13.21 -0.47 25.10
N PRO A 131 11.93 -0.69 25.36
CA PRO A 131 11.49 -1.09 26.71
C PRO A 131 11.98 -2.48 27.09
N PRO A 132 12.34 -2.71 28.36
CA PRO A 132 12.88 -4.02 28.74
C PRO A 132 11.82 -4.92 29.37
#